data_5DQW
#
_entry.id   5DQW
#
_cell.length_a   46.865
_cell.length_b   52.499
_cell.length_c   82.322
_cell.angle_alpha   90.00
_cell.angle_beta   93.33
_cell.angle_gamma   90.00
#
_symmetry.space_group_name_H-M   'P 1 21 1'
#
loop_
_entity.id
_entity.type
_entity.pdbx_description
1 polymer 'Uncharacterized protein'
2 non-polymer "ADENOSINE-5'-DIPHOSPHATE"
3 non-polymer 'NICKEL (II) ION'
4 water water
#
_entity_poly.entity_id   1
_entity_poly.type   'polypeptide(L)'
_entity_poly.pdbx_seq_one_letter_code
;GSAKDPMTELKQADQIRTWVQSVLTGESSGHDWLHISRVADLAVYIGEKENADLFIVETAALVHDLIDVKLPDTIRLSVS
EVYNQLVTFGIGKEDADRVIHIITKMSFRDREKLEGEPLSIEGKVVQDADRLDAIGAVGIARAFMFAGAKGHGLYGDDQS
AYAHFFHKLLRLIDMMNTDTARELAEERHEFMLQYIRQLEKDIPGIDAKTS
;
_entity_poly.pdbx_strand_id   A,B
#
# COMPACT_ATOMS: atom_id res chain seq x y z
N MET A 7 29.91 -3.40 25.62
CA MET A 7 30.77 -3.62 24.43
C MET A 7 30.93 -2.29 23.72
N THR A 8 32.15 -2.02 23.28
CA THR A 8 32.41 -0.91 22.38
C THR A 8 31.44 -0.95 21.20
N GLU A 9 31.37 -2.10 20.54
CA GLU A 9 30.47 -2.25 19.39
C GLU A 9 28.97 -1.94 19.67
N LEU A 10 28.43 -2.39 20.81
CA LEU A 10 27.04 -2.10 21.17
C LEU A 10 26.81 -0.60 21.33
N LYS A 11 27.79 0.08 21.90
CA LYS A 11 27.66 1.50 22.14
C LYS A 11 27.73 2.23 20.82
N GLN A 12 28.63 1.79 19.96
CA GLN A 12 28.81 2.44 18.67
C GLN A 12 27.58 2.21 17.79
N ALA A 13 27.02 1.01 17.84
CA ALA A 13 25.78 0.72 17.10
C ALA A 13 24.66 1.67 17.54
N ASP A 14 24.58 1.88 18.85
CA ASP A 14 23.55 2.69 19.43
C ASP A 14 23.70 4.14 19.00
N GLN A 15 24.96 4.56 18.91
CA GLN A 15 25.29 5.91 18.47
C GLN A 15 24.84 6.13 17.04
N ILE A 16 25.16 5.13 16.21
CA ILE A 16 24.84 5.19 14.81
C ILE A 16 23.34 5.22 14.61
N ARG A 17 22.62 4.39 15.37
CA ARG A 17 21.14 4.36 15.31
C ARG A 17 20.45 5.72 15.60
N THR A 18 20.88 6.38 16.66
CA THR A 18 20.32 7.67 17.05
C THR A 18 20.64 8.70 15.98
N TRP A 19 21.86 8.70 15.47
CA TRP A 19 22.23 9.62 14.38
C TRP A 19 21.34 9.43 13.14
N VAL A 20 21.29 8.18 12.69
CA VAL A 20 20.51 7.85 11.51
C VAL A 20 19.05 8.24 11.69
N GLN A 21 18.51 7.91 12.86
CA GLN A 21 17.15 8.34 13.17
C GLN A 21 17.00 9.86 13.16
N SER A 22 17.98 10.57 13.74
CA SER A 22 17.91 12.03 13.71
C SER A 22 17.96 12.58 12.26
N VAL A 23 18.81 12.00 11.43
CA VAL A 23 19.07 12.52 10.09
C VAL A 23 17.81 12.40 9.22
N LEU A 24 17.11 11.28 9.40
CA LEU A 24 15.98 10.90 8.58
C LEU A 24 14.68 11.46 9.12
N THR A 25 14.72 12.16 10.25
CA THR A 25 13.49 12.52 10.95
C THR A 25 13.61 13.88 11.65
N GLY A 30 9.94 5.59 0.54
CA GLY A 30 10.00 4.43 1.43
C GLY A 30 11.38 4.16 1.99
N HIS A 31 11.96 5.21 2.58
CA HIS A 31 13.33 5.18 3.11
C HIS A 31 13.36 5.79 4.53
N ASP A 32 12.27 5.59 5.26
CA ASP A 32 12.09 6.17 6.56
C ASP A 32 12.83 5.33 7.58
N TRP A 33 12.94 5.90 8.76
CA TRP A 33 13.62 5.23 9.87
C TRP A 33 13.10 3.81 10.12
N LEU A 34 11.80 3.62 10.05
CA LEU A 34 11.21 2.31 10.34
C LEU A 34 11.70 1.22 9.32
N HIS A 35 11.76 1.56 8.03
CA HIS A 35 12.39 0.68 7.03
C HIS A 35 13.84 0.35 7.39
N ILE A 36 14.66 1.35 7.73
CA ILE A 36 16.05 1.14 8.05
C ILE A 36 16.20 0.22 9.26
N SER A 37 15.38 0.45 10.27
CA SER A 37 15.42 -0.33 11.52
C SER A 37 15.05 -1.77 11.28
N ARG A 38 13.98 -2.02 10.53
CA ARG A 38 13.67 -3.38 10.09
C ARG A 38 14.78 -4.06 9.30
N VAL A 39 15.40 -3.32 8.38
CA VAL A 39 16.44 -3.90 7.55
C VAL A 39 17.72 -4.22 8.35
N ALA A 40 18.08 -3.34 9.31
CA ALA A 40 19.15 -3.64 10.26
C ALA A 40 18.88 -4.92 11.06
N ASP A 41 17.70 -5.02 11.66
CA ASP A 41 17.40 -6.23 12.43
C ASP A 41 17.45 -7.49 11.54
N LEU A 42 16.87 -7.39 10.37
CA LEU A 42 16.88 -8.53 9.47
C LEU A 42 18.32 -8.85 9.02
N ALA A 43 19.12 -7.84 8.73
CA ALA A 43 20.48 -8.06 8.26
C ALA A 43 21.34 -8.73 9.34
N VAL A 44 21.11 -8.37 10.61
CA VAL A 44 21.86 -8.97 11.69
C VAL A 44 21.48 -10.40 11.84
N TYR A 45 20.18 -10.69 11.75
CA TYR A 45 19.74 -12.10 11.85
C TYR A 45 20.42 -12.95 10.75
N ILE A 46 20.35 -12.48 9.52
CA ILE A 46 20.93 -13.22 8.40
C ILE A 46 22.44 -13.34 8.58
N GLY A 47 23.07 -12.21 8.93
CA GLY A 47 24.50 -12.20 9.21
C GLY A 47 24.91 -13.24 10.23
N GLU A 48 24.16 -13.34 11.32
CA GLU A 48 24.44 -14.34 12.36
C GLU A 48 24.43 -15.71 11.74
N LYS A 49 23.36 -16.04 11.01
CA LYS A 49 23.24 -17.35 10.41
C LYS A 49 24.35 -17.61 9.40
N GLU A 50 24.73 -16.55 8.66
CA GLU A 50 25.74 -16.66 7.61
C GLU A 50 27.21 -16.58 8.10
N ASN A 51 27.40 -16.29 9.39
CA ASN A 51 28.74 -16.03 9.98
C ASN A 51 29.48 -14.90 9.32
N ALA A 52 28.76 -13.82 9.06
CA ALA A 52 29.36 -12.65 8.51
C ALA A 52 29.76 -11.77 9.70
N ASP A 53 30.40 -10.67 9.40
CA ASP A 53 30.84 -9.79 10.45
C ASP A 53 29.64 -8.94 10.85
N LEU A 54 29.15 -9.16 12.07
CA LEU A 54 27.89 -8.58 12.54
C LEU A 54 27.92 -7.07 12.68
N PHE A 55 29.02 -6.52 13.16
CA PHE A 55 29.13 -5.09 13.34
C PHE A 55 29.15 -4.36 11.98
N ILE A 56 29.86 -4.91 11.00
CA ILE A 56 29.88 -4.34 9.66
C ILE A 56 28.49 -4.46 9.04
N VAL A 57 27.86 -5.64 9.14
CA VAL A 57 26.50 -5.81 8.61
C VAL A 57 25.55 -4.73 9.20
N GLU A 58 25.55 -4.58 10.53
CA GLU A 58 24.57 -3.69 11.14
C GLU A 58 24.81 -2.22 10.80
N THR A 59 26.08 -1.83 10.83
CA THR A 59 26.47 -0.46 10.50
C THR A 59 26.18 -0.12 9.06
N ALA A 60 26.44 -1.06 8.15
CA ALA A 60 26.14 -0.82 6.74
C ALA A 60 24.66 -0.76 6.53
N ALA A 61 23.94 -1.59 7.27
CA ALA A 61 22.48 -1.65 7.11
C ALA A 61 21.88 -0.32 7.56
N LEU A 62 22.39 0.21 8.67
CA LEU A 62 21.86 1.43 9.22
C LEU A 62 22.13 2.70 8.38
N VAL A 63 23.25 2.76 7.65
CA VAL A 63 23.61 3.98 6.91
C VAL A 63 23.46 3.83 5.37
N HIS A 64 22.96 2.68 4.89
CA HIS A 64 23.02 2.37 3.45
C HIS A 64 22.21 3.39 2.66
N ASP A 65 21.07 3.77 3.20
CA ASP A 65 20.20 4.76 2.56
C ASP A 65 20.59 6.19 2.71
N LEU A 66 21.53 6.51 3.59
CA LEU A 66 21.87 7.91 3.82
C LEU A 66 22.39 8.60 2.55
N ILE A 67 23.11 7.86 1.70
CA ILE A 67 23.64 8.41 0.47
C ILE A 67 22.71 8.21 -0.73
N ASP A 68 21.54 7.62 -0.55
CA ASP A 68 20.77 7.15 -1.72
C ASP A 68 20.15 8.32 -2.44
N VAL A 69 20.26 8.29 -3.77
CA VAL A 69 19.75 9.35 -4.62
C VAL A 69 18.24 9.62 -4.42
N LYS A 70 17.52 8.69 -3.78
CA LYS A 70 16.09 8.87 -3.55
C LYS A 70 15.77 9.82 -2.40
N LEU A 71 16.70 10.00 -1.46
CA LEU A 71 16.43 10.92 -0.33
C LEU A 71 16.37 12.35 -0.81
N PRO A 72 15.51 13.16 -0.19
CA PRO A 72 15.48 14.54 -0.59
C PRO A 72 16.75 15.25 -0.12
N ASP A 73 16.97 16.42 -0.69
CA ASP A 73 18.29 16.98 -0.67
C ASP A 73 18.61 17.71 0.65
N THR A 74 17.57 18.02 1.41
CA THR A 74 17.68 18.40 2.83
C THR A 74 18.32 17.28 3.70
N ILE A 75 18.21 16.03 3.27
CA ILE A 75 18.65 14.91 4.12
C ILE A 75 19.86 14.13 3.56
N ARG A 76 19.90 13.90 2.26
CA ARG A 76 20.89 12.98 1.66
C ARG A 76 22.29 13.43 2.00
N LEU A 77 23.16 12.47 2.32
CA LEU A 77 24.55 12.76 2.66
C LEU A 77 25.49 12.38 1.53
N SER A 78 26.66 13.00 1.55
CA SER A 78 27.80 12.58 0.74
C SER A 78 28.45 11.41 1.41
N VAL A 79 29.24 10.68 0.63
CA VAL A 79 30.02 9.60 1.12
C VAL A 79 31.00 10.07 2.16
N SER A 80 31.72 11.15 1.89
CA SER A 80 32.66 11.70 2.86
C SER A 80 31.96 12.07 4.20
N GLU A 81 30.73 12.59 4.16
CA GLU A 81 29.97 12.88 5.40
C GLU A 81 29.65 11.62 6.23
N VAL A 82 29.27 10.52 5.57
CA VAL A 82 29.02 9.29 6.29
C VAL A 82 30.32 8.77 6.91
N TYR A 83 31.37 8.68 6.11
CA TYR A 83 32.67 8.21 6.54
C TYR A 83 33.21 8.98 7.77
N ASN A 84 33.20 10.30 7.69
CA ASN A 84 33.70 11.16 8.77
C ASN A 84 32.90 10.97 10.07
N GLN A 85 31.59 10.75 9.94
CA GLN A 85 30.72 10.60 11.11
C GLN A 85 31.04 9.27 11.77
N LEU A 86 31.19 8.22 10.96
CA LEU A 86 31.60 6.91 11.46
C LEU A 86 32.90 6.96 12.23
N VAL A 87 33.90 7.60 11.64
CA VAL A 87 35.22 7.69 12.26
C VAL A 87 35.18 8.53 13.56
N THR A 88 34.47 9.64 13.51
CA THR A 88 34.25 10.43 14.69
C THR A 88 33.60 9.63 15.79
N PHE A 89 32.66 8.77 15.41
CA PHE A 89 31.97 7.95 16.39
C PHE A 89 32.83 6.80 16.95
N GLY A 90 34.07 6.63 16.47
CA GLY A 90 34.98 5.62 17.04
C GLY A 90 35.17 4.34 16.25
N ILE A 91 34.54 4.25 15.08
CA ILE A 91 34.78 3.11 14.19
C ILE A 91 36.17 3.22 13.55
N GLY A 92 37.00 2.19 13.66
CA GLY A 92 38.30 2.18 12.97
C GLY A 92 38.17 2.49 11.46
N LYS A 93 39.22 3.07 10.90
CA LYS A 93 39.24 3.42 9.47
C LYS A 93 39.00 2.19 8.58
N GLU A 94 39.42 1.02 9.01
CA GLU A 94 39.35 -0.17 8.16
C GLU A 94 37.90 -0.60 8.04
N ASP A 95 37.22 -0.66 9.18
CA ASP A 95 35.77 -0.93 9.21
C ASP A 95 34.96 0.12 8.47
N ALA A 96 35.29 1.38 8.70
CA ALA A 96 34.68 2.49 7.99
C ALA A 96 34.84 2.40 6.45
N ASP A 97 36.04 2.07 6.00
CA ASP A 97 36.32 1.76 4.59
C ASP A 97 35.40 0.65 4.06
N ARG A 98 35.31 -0.46 4.79
CA ARG A 98 34.41 -1.55 4.41
C ARG A 98 32.95 -1.16 4.32
N VAL A 99 32.50 -0.36 5.27
CA VAL A 99 31.13 0.09 5.23
C VAL A 99 30.97 0.94 4.01
N ILE A 100 31.91 1.86 3.78
CA ILE A 100 31.84 2.72 2.60
C ILE A 100 31.79 1.89 1.31
N HIS A 101 32.64 0.86 1.20
CA HIS A 101 32.66 -0.05 0.05
C HIS A 101 31.28 -0.62 -0.20
N ILE A 102 30.54 -0.94 0.87
CA ILE A 102 29.23 -1.59 0.73
C ILE A 102 28.14 -0.64 0.23
N ILE A 103 28.07 0.57 0.82
CA ILE A 103 26.96 1.48 0.51
C ILE A 103 27.15 2.13 -0.87
N THR A 104 28.39 2.34 -1.29
CA THR A 104 28.66 2.89 -2.62
C THR A 104 28.43 1.82 -3.70
N LYS A 105 28.83 0.57 -3.46
CA LYS A 105 28.52 -0.54 -4.39
C LYS A 105 27.01 -0.73 -4.51
N MET A 106 26.30 -0.62 -3.40
CA MET A 106 24.84 -0.85 -3.37
C MET A 106 24.10 0.20 -4.17
N SER A 107 24.54 1.44 -4.10
CA SER A 107 23.97 2.48 -4.96
C SER A 107 24.77 2.62 -6.27
N PRO A 118 31.65 -6.96 -7.71
CA PRO A 118 31.06 -7.83 -6.69
C PRO A 118 30.94 -7.13 -5.33
N LEU A 119 29.73 -7.10 -4.79
CA LEU A 119 29.48 -6.62 -3.44
C LEU A 119 30.20 -7.56 -2.46
N SER A 120 30.64 -7.01 -1.34
CA SER A 120 31.28 -7.81 -0.31
C SER A 120 30.30 -8.79 0.34
N ILE A 121 30.81 -9.77 1.09
CA ILE A 121 29.95 -10.69 1.84
C ILE A 121 28.89 -9.90 2.66
N GLU A 122 29.35 -8.92 3.45
CA GLU A 122 28.46 -8.19 4.32
C GLU A 122 27.51 -7.33 3.46
N GLY A 123 28.01 -6.83 2.34
CA GLY A 123 27.16 -6.08 1.41
C GLY A 123 26.00 -6.92 0.85
N LYS A 124 26.31 -8.18 0.54
CA LYS A 124 25.30 -9.14 0.06
C LYS A 124 24.25 -9.44 1.13
N VAL A 125 24.68 -9.46 2.37
CA VAL A 125 23.75 -9.67 3.46
C VAL A 125 22.83 -8.47 3.57
N VAL A 126 23.37 -7.27 3.53
CA VAL A 126 22.55 -6.07 3.67
C VAL A 126 21.61 -5.97 2.47
N GLN A 127 22.13 -6.21 1.27
CA GLN A 127 21.29 -6.17 0.06
C GLN A 127 20.14 -7.15 0.18
N ASP A 128 20.43 -8.38 0.65
CA ASP A 128 19.37 -9.36 0.86
C ASP A 128 18.27 -8.87 1.83
N ALA A 129 18.68 -8.33 2.99
CA ALA A 129 17.73 -7.85 4.00
C ALA A 129 16.88 -6.71 3.39
N ASP A 130 17.52 -5.86 2.63
CA ASP A 130 16.85 -4.77 1.95
C ASP A 130 15.79 -5.26 0.96
N ARG A 131 16.11 -6.31 0.19
CA ARG A 131 15.15 -6.88 -0.72
C ARG A 131 14.07 -7.66 0.02
N LEU A 132 14.39 -8.25 1.15
CA LEU A 132 13.35 -8.93 1.90
C LEU A 132 12.28 -7.92 2.38
N ASP A 133 12.69 -6.72 2.79
CA ASP A 133 11.71 -5.70 3.22
C ASP A 133 10.83 -5.18 2.07
N ALA A 134 11.21 -5.50 0.83
CA ALA A 134 10.47 -5.12 -0.38
C ALA A 134 9.47 -6.19 -0.88
N ILE A 135 9.45 -7.31 -0.15
CA ILE A 135 8.53 -8.43 -0.46
C ILE A 135 7.75 -8.86 0.78
N GLY A 136 6.86 -9.84 0.63
CA GLY A 136 5.91 -10.21 1.66
C GLY A 136 4.82 -9.15 1.91
N ALA A 137 4.18 -9.23 3.08
CA ALA A 137 3.12 -8.26 3.42
C ALA A 137 3.72 -6.88 3.55
N VAL A 138 4.92 -6.79 4.11
CA VAL A 138 5.55 -5.47 4.22
C VAL A 138 5.84 -4.88 2.85
N GLY A 139 6.37 -5.69 1.95
CA GLY A 139 6.67 -5.22 0.61
C GLY A 139 5.45 -4.77 -0.16
N ILE A 140 4.35 -5.52 0.00
CA ILE A 140 3.05 -5.14 -0.56
C ILE A 140 2.60 -3.77 -0.06
N ALA A 141 2.70 -3.56 1.23
CA ALA A 141 2.33 -2.27 1.84
C ALA A 141 3.18 -1.14 1.28
N ARG A 142 4.49 -1.38 1.23
CA ARG A 142 5.44 -0.37 0.76
C ARG A 142 5.20 -0.04 -0.72
N ALA A 143 4.87 -1.05 -1.52
CA ALA A 143 4.57 -0.84 -2.95
C ALA A 143 3.33 0.04 -3.18
N PHE A 144 2.25 -0.28 -2.48
CA PHE A 144 1.05 0.56 -2.61
C PHE A 144 1.20 1.97 -1.99
N MET A 145 1.94 2.11 -0.89
CA MET A 145 2.28 3.47 -0.38
C MET A 145 3.05 4.30 -1.42
N PHE A 146 4.08 3.72 -2.03
CA PHE A 146 4.83 4.36 -3.11
C PHE A 146 3.91 4.82 -4.25
N ALA A 147 3.03 3.92 -4.72
CA ALA A 147 2.10 4.23 -5.78
C ALA A 147 1.23 5.42 -5.37
N GLY A 148 0.73 5.36 -4.13
CA GLY A 148 -0.09 6.45 -3.57
C GLY A 148 0.73 7.74 -3.53
N ALA A 149 1.98 7.64 -3.10
CA ALA A 149 2.85 8.83 -3.01
C ALA A 149 3.11 9.48 -4.37
N LYS A 150 3.24 8.67 -5.40
CA LYS A 150 3.68 9.14 -6.71
C LYS A 150 2.51 9.30 -7.66
N GLY A 151 1.31 9.03 -7.15
CA GLY A 151 0.10 9.24 -7.94
C GLY A 151 -0.13 8.19 -9.02
N HIS A 152 0.38 6.97 -8.81
CA HIS A 152 0.20 5.87 -9.76
C HIS A 152 -1.04 5.04 -9.44
N GLY A 153 -1.64 4.45 -10.46
CA GLY A 153 -2.78 3.59 -10.27
C GLY A 153 -2.44 2.29 -9.50
N LEU A 154 -3.48 1.64 -9.03
CA LEU A 154 -3.41 0.39 -8.33
C LEU A 154 -3.02 -0.68 -9.35
N TYR A 155 -3.69 -0.64 -10.48
CA TYR A 155 -3.36 -1.44 -11.68
C TYR A 155 -3.73 -0.62 -12.90
N GLY A 156 -3.50 -1.19 -14.07
CA GLY A 156 -4.06 -0.67 -15.33
C GLY A 156 -3.05 -0.11 -16.32
N ASP A 157 -1.87 0.22 -15.85
CA ASP A 157 -0.78 0.63 -16.75
C ASP A 157 0.57 0.15 -16.22
N ASP A 158 1.59 0.37 -17.03
CA ASP A 158 2.97 -0.04 -16.71
C ASP A 158 3.65 0.75 -15.58
N GLN A 159 3.05 1.85 -15.11
CA GLN A 159 3.57 2.63 -13.97
C GLN A 159 2.87 2.25 -12.65
N SER A 160 1.94 1.28 -12.74
CA SER A 160 1.03 0.95 -11.66
C SER A 160 1.65 0.04 -10.63
N ALA A 161 1.03 0.01 -9.46
CA ALA A 161 1.55 -0.80 -8.37
C ALA A 161 1.53 -2.27 -8.77
N TYR A 162 0.45 -2.70 -9.41
CA TYR A 162 0.32 -4.12 -9.85
C TYR A 162 1.42 -4.49 -10.87
N ALA A 163 1.65 -3.61 -11.86
CA ALA A 163 2.75 -3.80 -12.80
C ALA A 163 4.09 -4.05 -12.07
N HIS A 164 4.35 -3.26 -11.03
CA HIS A 164 5.61 -3.33 -10.33
C HIS A 164 5.79 -4.70 -9.65
N PHE A 165 4.72 -5.36 -9.23
CA PHE A 165 4.85 -6.70 -8.72
C PHE A 165 5.48 -7.57 -9.78
N PHE A 166 4.97 -7.47 -11.01
CA PHE A 166 5.46 -8.31 -12.10
C PHE A 166 6.82 -7.93 -12.64
N HIS A 167 7.08 -6.64 -12.77
CA HIS A 167 8.39 -6.21 -13.30
C HIS A 167 9.51 -6.52 -12.31
N LYS A 168 9.21 -6.45 -11.01
CA LYS A 168 10.28 -6.41 -10.01
C LYS A 168 10.04 -7.28 -8.81
N LEU A 169 8.97 -7.02 -8.06
CA LEU A 169 8.88 -7.61 -6.73
C LEU A 169 8.86 -9.14 -6.78
N LEU A 170 8.16 -9.74 -7.76
CA LEU A 170 8.07 -11.21 -7.86
C LEU A 170 9.38 -11.87 -8.34
N ARG A 171 10.32 -11.08 -8.82
CA ARG A 171 11.62 -11.62 -9.24
C ARG A 171 12.67 -11.55 -8.13
N LEU A 172 12.42 -10.78 -7.06
CA LEU A 172 13.43 -10.59 -6.00
C LEU A 172 13.94 -11.86 -5.32
N ILE A 173 13.08 -12.87 -5.14
CA ILE A 173 13.50 -14.13 -4.55
C ILE A 173 14.63 -14.82 -5.38
N ASP A 174 14.64 -14.64 -6.69
CA ASP A 174 15.73 -15.13 -7.54
C ASP A 174 17.02 -14.33 -7.39
N MET A 175 16.97 -13.19 -6.73
CA MET A 175 18.14 -12.31 -6.61
C MET A 175 18.77 -12.36 -5.24
N MET A 176 18.36 -13.27 -4.38
CA MET A 176 18.93 -13.36 -3.03
C MET A 176 20.30 -13.97 -3.10
N ASN A 177 21.24 -13.40 -2.34
CA ASN A 177 22.62 -13.85 -2.31
C ASN A 177 22.82 -15.02 -1.33
N THR A 178 22.22 -14.97 -0.16
CA THR A 178 22.54 -15.97 0.87
C THR A 178 21.48 -17.03 0.96
N ASP A 179 21.89 -18.20 1.45
CA ASP A 179 20.95 -19.31 1.68
C ASP A 179 19.91 -18.87 2.69
N THR A 180 20.36 -18.21 3.77
CA THR A 180 19.46 -17.79 4.83
C THR A 180 18.40 -16.88 4.28
N ALA A 181 18.80 -15.85 3.51
CA ALA A 181 17.83 -14.92 2.93
C ALA A 181 16.93 -15.60 1.90
N ARG A 182 17.48 -16.55 1.17
CA ARG A 182 16.66 -17.32 0.21
C ARG A 182 15.56 -18.12 0.95
N GLU A 183 15.90 -18.71 2.10
CA GLU A 183 14.95 -19.46 2.94
C GLU A 183 13.85 -18.55 3.51
N LEU A 184 14.23 -17.36 4.00
CA LEU A 184 13.25 -16.39 4.54
C LEU A 184 12.36 -15.88 3.44
N ALA A 185 12.93 -15.66 2.26
CA ALA A 185 12.20 -15.09 1.13
C ALA A 185 11.07 -15.99 0.63
N GLU A 186 11.23 -17.30 0.81
CA GLU A 186 10.23 -18.24 0.34
C GLU A 186 8.86 -17.92 0.90
N GLU A 187 8.73 -17.81 2.22
CA GLU A 187 7.41 -17.60 2.80
C GLU A 187 6.86 -16.22 2.35
N ARG A 188 7.72 -15.21 2.29
CA ARG A 188 7.28 -13.87 1.88
C ARG A 188 6.81 -13.83 0.43
N HIS A 189 7.53 -14.53 -0.46
CA HIS A 189 7.25 -14.55 -1.87
C HIS A 189 5.96 -15.31 -2.14
N GLU A 190 5.79 -16.43 -1.46
CA GLU A 190 4.55 -17.19 -1.55
C GLU A 190 3.40 -16.37 -1.05
N PHE A 191 3.61 -15.59 0.01
CA PHE A 191 2.52 -14.76 0.49
C PHE A 191 2.15 -13.70 -0.52
N MET A 192 3.12 -13.12 -1.24
CA MET A 192 2.79 -12.17 -2.34
C MET A 192 2.01 -12.84 -3.44
N LEU A 193 2.35 -14.10 -3.71
CA LEU A 193 1.58 -14.89 -4.68
C LEU A 193 0.10 -15.07 -4.24
N GLN A 194 -0.12 -15.42 -2.96
CA GLN A 194 -1.47 -15.50 -2.39
C GLN A 194 -2.17 -14.12 -2.49
N TYR A 195 -1.43 -13.05 -2.29
CA TYR A 195 -2.00 -11.67 -2.38
C TYR A 195 -2.47 -11.37 -3.82
N ILE A 196 -1.63 -11.71 -4.80
CA ILE A 196 -1.99 -11.50 -6.21
C ILE A 196 -3.20 -12.36 -6.57
N ARG A 197 -3.22 -13.58 -6.06
CA ARG A 197 -4.35 -14.45 -6.31
C ARG A 197 -5.68 -13.84 -5.79
N GLN A 198 -5.62 -13.30 -4.59
CA GLN A 198 -6.77 -12.65 -4.01
C GLN A 198 -7.16 -11.38 -4.79
N LEU A 199 -6.19 -10.62 -5.31
CA LEU A 199 -6.53 -9.48 -6.13
C LEU A 199 -7.18 -9.95 -7.42
N GLU A 200 -6.67 -11.03 -8.01
CA GLU A 200 -7.27 -11.56 -9.23
C GLU A 200 -8.73 -11.95 -8.99
N LYS A 201 -9.07 -12.44 -7.78
CA LYS A 201 -10.49 -12.72 -7.43
C LYS A 201 -11.29 -11.47 -7.10
N ASP A 202 -10.75 -10.57 -6.29
CA ASP A 202 -11.46 -9.36 -5.96
C ASP A 202 -11.73 -8.55 -7.22
N ILE A 203 -10.84 -8.63 -8.21
CA ILE A 203 -10.91 -7.76 -9.42
C ILE A 203 -10.79 -8.56 -10.72
N PRO A 204 -11.90 -9.12 -11.19
CA PRO A 204 -11.82 -9.90 -12.43
C PRO A 204 -11.32 -9.03 -13.59
N GLY A 205 -10.45 -9.60 -14.42
CA GLY A 205 -9.85 -8.86 -15.53
C GLY A 205 -8.74 -7.88 -15.16
N ILE A 206 -8.26 -7.92 -13.91
CA ILE A 206 -7.23 -7.00 -13.49
C ILE A 206 -5.99 -7.04 -14.40
N ASP A 207 -5.64 -8.23 -14.89
CA ASP A 207 -4.46 -8.40 -15.72
C ASP A 207 -4.57 -7.72 -17.10
N ALA A 208 -5.77 -7.66 -17.67
CA ALA A 208 -5.96 -7.18 -19.07
C ALA A 208 -5.89 -5.67 -19.13
N GLN B 12 -26.93 4.18 -22.90
CA GLN B 12 -27.19 5.31 -21.97
C GLN B 12 -26.24 5.25 -20.77
N ALA B 13 -26.16 4.07 -20.16
CA ALA B 13 -25.14 3.78 -19.15
C ALA B 13 -23.71 3.99 -19.70
N ASP B 14 -23.57 3.85 -21.03
CA ASP B 14 -22.31 4.13 -21.71
C ASP B 14 -21.98 5.63 -21.76
N GLN B 15 -23.00 6.48 -21.91
CA GLN B 15 -22.80 7.94 -21.91
C GLN B 15 -22.49 8.48 -20.48
N ILE B 16 -23.02 7.80 -19.47
CA ILE B 16 -22.68 8.10 -18.07
C ILE B 16 -21.23 7.70 -17.73
N ARG B 17 -20.80 6.53 -18.22
CA ARG B 17 -19.44 6.02 -18.00
C ARG B 17 -18.34 6.90 -18.61
N THR B 18 -18.67 7.60 -19.70
CA THR B 18 -17.74 8.54 -20.35
C THR B 18 -17.61 9.82 -19.54
N TRP B 19 -18.75 10.39 -19.17
CA TRP B 19 -18.77 11.63 -18.38
C TRP B 19 -18.07 11.49 -17.03
N VAL B 20 -18.48 10.49 -16.24
CA VAL B 20 -17.92 10.27 -14.91
C VAL B 20 -16.39 10.05 -14.96
N GLN B 21 -15.91 9.39 -16.01
CA GLN B 21 -14.47 9.25 -16.25
C GLN B 21 -13.81 10.62 -16.28
N SER B 22 -14.50 11.61 -16.87
CA SER B 22 -14.07 12.99 -16.83
C SER B 22 -14.43 13.62 -15.48
N GLU B 27 -8.48 10.46 -9.44
CA GLU B 27 -8.47 11.30 -8.25
C GLU B 27 -7.62 10.67 -7.17
N SER B 28 -6.50 11.32 -6.84
CA SER B 28 -5.55 10.80 -5.85
C SER B 28 -6.07 10.98 -4.42
N SER B 29 -7.20 10.34 -4.12
CA SER B 29 -7.83 10.39 -2.79
C SER B 29 -8.58 9.11 -2.37
N GLY B 30 -8.61 8.09 -3.23
CA GLY B 30 -9.41 6.88 -2.99
C GLY B 30 -10.75 6.87 -3.73
N HIS B 31 -11.03 7.94 -4.46
CA HIS B 31 -12.26 8.07 -5.23
C HIS B 31 -12.01 8.06 -6.74
N ASP B 32 -11.02 7.27 -7.14
CA ASP B 32 -10.60 7.20 -8.54
C ASP B 32 -11.55 6.36 -9.40
N TRP B 33 -11.40 6.55 -10.72
CA TRP B 33 -12.21 5.88 -11.73
C TRP B 33 -12.22 4.36 -11.60
N LEU B 34 -11.06 3.77 -11.35
CA LEU B 34 -10.96 2.32 -11.30
C LEU B 34 -11.83 1.79 -10.17
N HIS B 35 -11.84 2.54 -9.08
CA HIS B 35 -12.65 2.18 -7.93
C HIS B 35 -14.13 2.27 -8.28
N ILE B 36 -14.51 3.35 -8.96
CA ILE B 36 -15.91 3.59 -9.36
C ILE B 36 -16.37 2.48 -10.32
N SER B 37 -15.54 2.19 -11.31
CA SER B 37 -15.80 1.13 -12.29
C SER B 37 -15.91 -0.25 -11.63
N ARG B 38 -15.00 -0.51 -10.69
CA ARG B 38 -15.08 -1.71 -9.85
C ARG B 38 -16.39 -1.83 -9.07
N VAL B 39 -16.73 -0.74 -8.40
CA VAL B 39 -17.90 -0.72 -7.57
C VAL B 39 -19.21 -0.79 -8.37
N ALA B 40 -19.26 -0.17 -9.57
CA ALA B 40 -20.44 -0.32 -10.46
C ALA B 40 -20.64 -1.79 -10.88
N ASP B 41 -19.57 -2.43 -11.35
CA ASP B 41 -19.64 -3.85 -11.68
C ASP B 41 -20.07 -4.72 -10.50
N LEU B 42 -19.54 -4.43 -9.32
CA LEU B 42 -19.91 -5.17 -8.11
C LEU B 42 -21.37 -4.88 -7.74
N ALA B 43 -21.75 -3.61 -7.84
CA ALA B 43 -23.12 -3.20 -7.51
C ALA B 43 -24.10 -3.94 -8.39
N VAL B 44 -23.81 -3.91 -9.70
CA VAL B 44 -24.63 -4.57 -10.72
C VAL B 44 -24.76 -6.07 -10.43
N TYR B 45 -23.67 -6.72 -10.02
CA TYR B 45 -23.68 -8.15 -9.67
C TYR B 45 -24.57 -8.41 -8.46
N ILE B 46 -24.37 -7.61 -7.42
CA ILE B 46 -25.10 -7.77 -6.17
C ILE B 46 -26.58 -7.47 -6.42
N GLY B 47 -26.84 -6.40 -7.17
CA GLY B 47 -28.20 -5.99 -7.50
C GLY B 47 -29.02 -7.03 -8.23
N GLU B 48 -28.36 -7.86 -9.02
CA GLU B 48 -29.02 -8.94 -9.77
C GLU B 48 -29.46 -10.02 -8.79
N LYS B 49 -28.56 -10.42 -7.90
CA LYS B 49 -28.88 -11.36 -6.83
C LYS B 49 -29.96 -10.86 -5.85
N GLU B 50 -29.98 -9.56 -5.57
CA GLU B 50 -30.89 -8.97 -4.59
C GLU B 50 -32.11 -8.30 -5.24
N ASN B 51 -32.35 -8.62 -6.51
CA ASN B 51 -33.54 -8.17 -7.22
C ASN B 51 -33.72 -6.64 -7.20
N ALA B 52 -32.64 -5.91 -7.41
CA ALA B 52 -32.70 -4.46 -7.49
C ALA B 52 -32.81 -4.02 -8.94
N ASP B 53 -33.14 -2.75 -9.13
CA ASP B 53 -33.16 -2.15 -10.47
C ASP B 53 -31.71 -1.93 -10.91
N LEU B 54 -31.24 -2.77 -11.83
CA LEU B 54 -29.84 -2.78 -12.27
C LEU B 54 -29.39 -1.48 -12.95
N PHE B 55 -30.25 -0.88 -13.77
CA PHE B 55 -29.91 0.41 -14.37
C PHE B 55 -29.68 1.49 -13.28
N ILE B 56 -30.56 1.55 -12.28
CA ILE B 56 -30.45 2.50 -11.16
C ILE B 56 -29.16 2.30 -10.35
N VAL B 57 -28.91 1.06 -9.97
CA VAL B 57 -27.70 0.64 -9.22
C VAL B 57 -26.41 1.04 -9.94
N GLU B 58 -26.30 0.69 -11.22
CA GLU B 58 -25.13 1.03 -12.02
C GLU B 58 -24.96 2.54 -12.13
N THR B 59 -26.04 3.24 -12.38
CA THR B 59 -25.96 4.67 -12.52
C THR B 59 -25.55 5.34 -11.19
N ALA B 60 -26.19 4.93 -10.09
CA ALA B 60 -25.88 5.51 -8.74
C ALA B 60 -24.45 5.17 -8.30
N ALA B 61 -24.05 3.94 -8.57
CA ALA B 61 -22.68 3.53 -8.34
C ALA B 61 -21.75 4.42 -9.17
N LEU B 62 -22.08 4.64 -10.44
CA LEU B 62 -21.22 5.43 -11.29
C LEU B 62 -21.07 6.89 -10.82
N VAL B 63 -22.12 7.51 -10.26
CA VAL B 63 -22.06 8.94 -9.95
C VAL B 63 -21.97 9.35 -8.46
N HIS B 64 -22.03 8.39 -7.54
CA HIS B 64 -22.16 8.76 -6.10
C HIS B 64 -21.02 9.62 -5.55
N ASP B 65 -19.79 9.31 -5.98
CA ASP B 65 -18.60 10.06 -5.55
C ASP B 65 -18.51 11.49 -6.08
N LEU B 66 -19.28 11.83 -7.12
CA LEU B 66 -19.20 13.16 -7.72
C LEU B 66 -19.58 14.27 -6.76
N ILE B 67 -20.49 13.99 -5.83
CA ILE B 67 -20.97 15.02 -4.89
C ILE B 67 -20.44 14.83 -3.47
N ASP B 68 -19.54 13.87 -3.29
CA ASP B 68 -19.02 13.55 -1.95
C ASP B 68 -18.25 14.74 -1.39
N VAL B 69 -18.44 15.04 -0.10
CA VAL B 69 -17.72 16.12 0.59
C VAL B 69 -16.23 15.82 0.76
N LYS B 70 -15.85 14.54 0.68
CA LYS B 70 -14.44 14.13 0.76
C LYS B 70 -13.68 14.48 -0.53
N LEU B 71 -14.40 14.54 -1.66
CA LEU B 71 -13.83 14.98 -2.94
C LEU B 71 -13.65 16.49 -2.93
N PRO B 72 -12.51 16.98 -3.46
CA PRO B 72 -12.16 18.39 -3.36
C PRO B 72 -13.09 19.33 -4.14
N ASP B 73 -13.00 20.62 -3.83
CA ASP B 73 -13.86 21.66 -4.42
C ASP B 73 -13.72 21.74 -5.95
N THR B 74 -12.48 21.67 -6.44
CA THR B 74 -12.20 21.76 -7.88
C THR B 74 -12.94 20.72 -8.72
N ILE B 75 -13.25 19.57 -8.14
CA ILE B 75 -13.97 18.49 -8.83
C ILE B 75 -15.43 18.36 -8.37
N ARG B 76 -15.64 18.43 -7.04
CA ARG B 76 -16.95 18.12 -6.43
C ARG B 76 -18.10 18.87 -7.10
N LEU B 77 -19.08 18.10 -7.59
CA LEU B 77 -20.26 18.64 -8.25
C LEU B 77 -21.43 18.71 -7.26
N SER B 78 -22.43 19.52 -7.58
CA SER B 78 -23.62 19.68 -6.74
C SER B 78 -24.65 18.61 -7.11
N VAL B 79 -25.63 18.43 -6.24
CA VAL B 79 -26.71 17.46 -6.50
C VAL B 79 -27.42 17.85 -7.81
N SER B 80 -27.86 19.10 -7.93
CA SER B 80 -28.60 19.54 -9.12
C SER B 80 -27.81 19.27 -10.43
N GLU B 81 -26.52 19.59 -10.42
CA GLU B 81 -25.65 19.31 -11.56
C GLU B 81 -25.71 17.82 -11.96
N VAL B 82 -25.70 16.92 -10.97
CA VAL B 82 -25.81 15.48 -11.23
C VAL B 82 -27.19 15.15 -11.78
N TYR B 83 -28.24 15.64 -11.12
CA TYR B 83 -29.61 15.44 -11.61
C TYR B 83 -29.72 15.90 -13.06
N ASN B 84 -29.39 17.16 -13.32
CA ASN B 84 -29.65 17.79 -14.61
C ASN B 84 -28.82 17.22 -15.76
N GLN B 85 -27.62 16.77 -15.44
CA GLN B 85 -26.79 16.03 -16.38
C GLN B 85 -27.44 14.67 -16.72
N LEU B 86 -28.02 14.00 -15.73
CA LEU B 86 -28.68 12.70 -15.96
C LEU B 86 -29.88 12.85 -16.89
N VAL B 87 -30.76 13.79 -16.54
CA VAL B 87 -31.91 14.14 -17.37
C VAL B 87 -31.47 14.46 -18.81
N THR B 88 -30.33 15.13 -18.97
CA THR B 88 -29.82 15.52 -20.31
C THR B 88 -29.39 14.32 -21.15
N PHE B 89 -28.79 13.31 -20.51
CA PHE B 89 -28.44 12.06 -21.20
C PHE B 89 -29.69 11.25 -21.59
N GLY B 90 -30.84 11.61 -21.01
CA GLY B 90 -32.13 11.06 -21.43
C GLY B 90 -32.79 10.11 -20.44
N ILE B 91 -32.46 10.26 -19.16
CA ILE B 91 -33.02 9.43 -18.10
C ILE B 91 -34.42 9.94 -17.74
N GLY B 92 -35.30 9.01 -17.36
CA GLY B 92 -36.62 9.39 -16.86
C GLY B 92 -36.54 10.07 -15.51
N LYS B 93 -37.53 10.90 -15.21
CA LYS B 93 -37.60 11.58 -13.91
C LYS B 93 -37.62 10.54 -12.78
N GLU B 94 -38.38 9.47 -13.01
CA GLU B 94 -38.51 8.37 -12.06
C GLU B 94 -37.14 7.88 -11.60
N ASP B 95 -36.31 7.50 -12.58
CA ASP B 95 -34.99 6.97 -12.30
C ASP B 95 -33.99 8.05 -11.86
N ALA B 96 -34.19 9.29 -12.30
CA ALA B 96 -33.33 10.40 -11.88
C ALA B 96 -33.51 10.70 -10.40
N ASP B 97 -34.77 10.74 -9.93
CA ASP B 97 -35.08 10.96 -8.51
C ASP B 97 -34.57 9.82 -7.62
N ARG B 98 -34.71 8.59 -8.12
CA ARG B 98 -34.26 7.43 -7.34
C ARG B 98 -32.74 7.43 -7.15
N VAL B 99 -32.02 7.73 -8.24
CA VAL B 99 -30.56 7.79 -8.20
C VAL B 99 -30.09 8.92 -7.29
N ILE B 100 -30.64 10.11 -7.50
CA ILE B 100 -30.35 11.26 -6.64
C ILE B 100 -30.65 10.95 -5.18
N HIS B 101 -31.76 10.26 -4.93
CA HIS B 101 -32.08 9.78 -3.59
C HIS B 101 -30.89 8.96 -3.05
N ILE B 102 -30.48 7.96 -3.78
CA ILE B 102 -29.41 7.10 -3.31
C ILE B 102 -28.14 7.87 -2.93
N ILE B 103 -27.65 8.67 -3.88
CA ILE B 103 -26.33 9.31 -3.75
C ILE B 103 -26.28 10.45 -2.74
N THR B 104 -27.42 11.06 -2.43
CA THR B 104 -27.49 12.04 -1.33
C THR B 104 -27.50 11.36 0.05
N LYS B 105 -28.11 10.17 0.13
CA LYS B 105 -28.18 9.42 1.40
C LYS B 105 -26.83 8.85 1.78
N MET B 106 -25.98 8.62 0.79
CA MET B 106 -24.64 8.04 1.00
C MET B 106 -23.55 9.06 1.34
N SER B 107 -23.79 10.32 0.99
CA SER B 107 -22.70 11.30 0.82
C SER B 107 -22.67 12.48 1.76
N PHE B 108 -23.58 12.54 2.72
CA PHE B 108 -23.57 13.66 3.66
C PHE B 108 -22.58 13.41 4.82
N ARG B 109 -22.33 14.48 5.57
CA ARG B 109 -21.43 14.47 6.72
C ARG B 109 -21.99 13.72 7.93
N ASP B 110 -21.18 12.77 8.42
CA ASP B 110 -21.57 11.82 9.47
C ASP B 110 -22.66 10.83 9.03
N ARG B 111 -22.64 10.46 7.75
CA ARG B 111 -23.50 9.40 7.18
C ARG B 111 -23.70 8.19 8.09
N ILE B 121 -33.67 -0.61 -1.37
CA ILE B 121 -32.99 -1.82 -1.83
C ILE B 121 -31.82 -1.56 -2.78
N GLU B 122 -31.94 -0.54 -3.62
CA GLU B 122 -30.89 -0.18 -4.59
C GLU B 122 -29.71 0.53 -3.92
N GLY B 123 -30.02 1.39 -2.94
CA GLY B 123 -28.99 2.05 -2.11
C GLY B 123 -28.15 1.06 -1.32
N LYS B 124 -28.82 0.11 -0.67
CA LYS B 124 -28.14 -0.94 0.12
C LYS B 124 -27.07 -1.66 -0.68
N VAL B 125 -27.44 -1.99 -1.91
CA VAL B 125 -26.57 -2.66 -2.87
C VAL B 125 -25.37 -1.79 -3.23
N VAL B 126 -25.63 -0.54 -3.59
CA VAL B 126 -24.57 0.41 -3.92
C VAL B 126 -23.65 0.63 -2.70
N GLN B 127 -24.22 0.75 -1.49
CA GLN B 127 -23.39 0.90 -0.26
C GLN B 127 -22.56 -0.33 0.02
N ASP B 128 -23.13 -1.51 -0.16
CA ASP B 128 -22.40 -2.76 0.03
C ASP B 128 -21.24 -2.89 -0.95
N ALA B 129 -21.50 -2.63 -2.22
CA ALA B 129 -20.46 -2.65 -3.25
C ALA B 129 -19.30 -1.76 -2.82
N ASP B 130 -19.64 -0.57 -2.34
CA ASP B 130 -18.63 0.42 -1.94
C ASP B 130 -17.81 -0.05 -0.75
N ARG B 131 -18.49 -0.59 0.25
CA ARG B 131 -17.81 -1.13 1.43
C ARG B 131 -16.91 -2.30 1.10
N LEU B 132 -17.37 -3.19 0.21
CA LEU B 132 -16.63 -4.40 -0.14
C LEU B 132 -15.30 -4.06 -0.80
N ASP B 133 -15.29 -3.00 -1.58
CA ASP B 133 -14.10 -2.53 -2.25
C ASP B 133 -13.13 -1.85 -1.29
N ALA B 134 -13.55 -1.64 -0.05
CA ALA B 134 -12.66 -1.16 0.98
C ALA B 134 -12.06 -2.31 1.80
N ILE B 135 -12.46 -3.56 1.53
CA ILE B 135 -11.84 -4.71 2.25
C ILE B 135 -11.21 -5.77 1.32
N GLY B 136 -10.62 -6.81 1.90
CA GLY B 136 -9.88 -7.80 1.12
C GLY B 136 -8.52 -7.32 0.63
N ALA B 137 -7.99 -7.98 -0.39
CA ALA B 137 -6.75 -7.57 -1.05
C ALA B 137 -6.86 -6.18 -1.62
N VAL B 138 -7.96 -5.92 -2.34
CA VAL B 138 -8.23 -4.59 -2.93
C VAL B 138 -8.27 -3.50 -1.86
N GLY B 139 -8.97 -3.73 -0.77
CA GLY B 139 -9.02 -2.74 0.33
C GLY B 139 -7.69 -2.48 1.04
N ILE B 140 -6.87 -3.52 1.16
CA ILE B 140 -5.54 -3.39 1.69
C ILE B 140 -4.80 -2.41 0.79
N ALA B 141 -4.87 -2.65 -0.51
CA ALA B 141 -4.16 -1.83 -1.47
C ALA B 141 -4.55 -0.38 -1.33
N ARG B 142 -5.83 -0.09 -1.27
CA ARG B 142 -6.31 1.29 -1.26
C ARG B 142 -5.94 1.98 0.05
N ALA B 143 -5.88 1.20 1.14
CA ALA B 143 -5.58 1.75 2.43
C ALA B 143 -4.15 2.22 2.42
N PHE B 144 -3.25 1.37 1.93
CA PHE B 144 -1.86 1.78 1.81
C PHE B 144 -1.64 2.89 0.75
N MET B 145 -2.34 2.85 -0.38
CA MET B 145 -2.29 3.96 -1.34
C MET B 145 -2.71 5.26 -0.70
N PHE B 146 -3.80 5.21 0.06
CA PHE B 146 -4.30 6.36 0.82
C PHE B 146 -3.22 6.86 1.78
N ALA B 147 -2.62 5.95 2.56
CA ALA B 147 -1.62 6.39 3.55
C ALA B 147 -0.42 7.03 2.86
N GLY B 148 -0.05 6.48 1.72
CA GLY B 148 1.03 7.04 0.93
C GLY B 148 0.70 8.40 0.35
N ALA B 149 -0.52 8.56 -0.15
CA ALA B 149 -0.97 9.82 -0.77
C ALA B 149 -1.06 10.97 0.22
N LYS B 150 -1.40 10.65 1.47
CA LYS B 150 -1.57 11.69 2.49
C LYS B 150 -0.30 11.82 3.35
N GLY B 151 0.70 10.99 3.06
CA GLY B 151 1.96 11.08 3.80
C GLY B 151 1.90 10.42 5.16
N HIS B 152 1.04 9.42 5.34
CA HIS B 152 0.90 8.77 6.66
C HIS B 152 1.82 7.56 6.75
N GLY B 153 2.11 7.16 7.98
CA GLY B 153 2.92 5.97 8.23
C GLY B 153 2.27 4.66 7.80
N LEU B 154 3.10 3.66 7.55
CA LEU B 154 2.64 2.29 7.40
C LEU B 154 1.98 1.88 8.74
N TYR B 155 2.72 2.09 9.82
CA TYR B 155 2.32 1.79 11.19
C TYR B 155 3.01 2.79 12.13
N GLY B 156 2.52 2.86 13.37
CA GLY B 156 3.19 3.65 14.39
C GLY B 156 2.35 4.80 14.92
N ASP B 157 1.47 5.36 14.09
CA ASP B 157 0.52 6.38 14.56
C ASP B 157 -0.88 5.80 14.69
N ASP B 158 -1.76 6.55 15.32
CA ASP B 158 -3.19 6.29 15.21
C ASP B 158 -3.65 6.71 13.81
N GLN B 159 -2.89 7.59 13.16
CA GLN B 159 -3.11 8.00 11.77
C GLN B 159 -2.50 7.07 10.67
N SER B 160 -2.02 5.89 11.05
CA SER B 160 -1.31 5.07 10.12
C SER B 160 -2.28 4.09 9.43
N ALA B 161 -1.86 3.54 8.30
CA ALA B 161 -2.67 2.55 7.56
C ALA B 161 -3.05 1.38 8.47
N TYR B 162 -2.06 0.86 9.19
CA TYR B 162 -2.25 -0.31 10.03
C TYR B 162 -3.34 -0.07 11.08
N ALA B 163 -3.32 1.12 11.68
CA ALA B 163 -4.38 1.54 12.60
C ALA B 163 -5.80 1.54 11.95
N HIS B 164 -5.88 1.86 10.65
CA HIS B 164 -7.17 1.96 10.01
C HIS B 164 -7.86 0.58 9.89
N PHE B 165 -7.07 -0.47 9.80
CA PHE B 165 -7.64 -1.81 9.83
C PHE B 165 -8.55 -2.06 11.04
N PHE B 166 -8.05 -1.71 12.23
CA PHE B 166 -8.76 -1.95 13.48
C PHE B 166 -9.81 -0.89 13.78
N HIS B 167 -9.53 0.34 13.39
CA HIS B 167 -10.51 1.43 13.54
C HIS B 167 -11.73 1.24 12.61
N LYS B 168 -11.51 0.68 11.43
CA LYS B 168 -12.56 0.65 10.40
C LYS B 168 -12.65 -0.65 9.62
N LEU B 169 -11.59 -1.01 8.88
CA LEU B 169 -11.73 -2.02 7.84
C LEU B 169 -12.20 -3.39 8.35
N LEU B 170 -11.66 -3.85 9.48
CA LEU B 170 -12.04 -5.16 10.05
C LEU B 170 -13.47 -5.21 10.62
N ARG B 171 -14.13 -4.07 10.76
CA ARG B 171 -15.53 -4.09 11.21
C ARG B 171 -16.53 -3.84 10.10
N LEU B 172 -16.05 -3.66 8.87
CA LEU B 172 -16.95 -3.40 7.73
C LEU B 172 -17.87 -4.57 7.43
N ILE B 173 -17.39 -5.79 7.66
CA ILE B 173 -18.16 -7.00 7.37
C ILE B 173 -19.51 -6.99 8.14
N ASP B 174 -19.45 -6.49 9.38
CA ASP B 174 -20.63 -6.35 10.26
C ASP B 174 -21.49 -5.11 10.01
N MET B 175 -21.23 -4.41 8.91
CA MET B 175 -22.06 -3.28 8.48
C MET B 175 -22.68 -3.55 7.10
N MET B 176 -22.68 -4.80 6.65
CA MET B 176 -23.21 -5.15 5.33
C MET B 176 -24.72 -5.30 5.38
N ASN B 177 -25.41 -4.79 4.35
CA ASN B 177 -26.88 -4.78 4.32
C ASN B 177 -27.52 -6.07 3.78
N THR B 178 -26.97 -6.58 2.67
CA THR B 178 -27.55 -7.71 1.96
C THR B 178 -26.83 -9.04 2.25
N ASP B 179 -27.49 -10.14 1.93
CA ASP B 179 -26.96 -11.49 2.16
C ASP B 179 -25.79 -11.73 1.24
N THR B 180 -25.99 -11.32 -0.01
CA THR B 180 -24.97 -11.43 -1.06
C THR B 180 -23.67 -10.73 -0.65
N ALA B 181 -23.78 -9.47 -0.20
CA ALA B 181 -22.60 -8.74 0.24
C ALA B 181 -21.96 -9.40 1.46
N ARG B 182 -22.79 -9.83 2.42
CA ARG B 182 -22.28 -10.52 3.63
C ARG B 182 -21.43 -11.75 3.27
N GLU B 183 -21.84 -12.47 2.22
CA GLU B 183 -21.14 -13.71 1.82
C GLU B 183 -19.83 -13.38 1.12
N LEU B 184 -19.88 -12.46 0.18
CA LEU B 184 -18.67 -11.91 -0.46
C LEU B 184 -17.67 -11.38 0.57
N ALA B 185 -18.18 -10.67 1.58
CA ALA B 185 -17.33 -10.05 2.60
C ALA B 185 -16.52 -11.08 3.39
N GLU B 186 -17.05 -12.29 3.56
CA GLU B 186 -16.38 -13.28 4.41
C GLU B 186 -14.95 -13.62 3.96
N GLU B 187 -14.78 -14.03 2.72
CA GLU B 187 -13.44 -14.36 2.19
C GLU B 187 -12.51 -13.12 2.17
N ARG B 188 -13.05 -11.95 1.80
CA ARG B 188 -12.27 -10.74 1.81
C ARG B 188 -11.78 -10.42 3.21
N HIS B 189 -12.67 -10.50 4.18
CA HIS B 189 -12.34 -10.28 5.58
C HIS B 189 -11.31 -11.31 6.12
N GLU B 190 -11.56 -12.60 5.88
CA GLU B 190 -10.62 -13.65 6.28
C GLU B 190 -9.23 -13.36 5.68
N PHE B 191 -9.18 -13.00 4.40
CA PHE B 191 -7.90 -12.64 3.79
C PHE B 191 -7.21 -11.44 4.48
N MET B 192 -7.94 -10.38 4.81
CA MET B 192 -7.32 -9.29 5.57
C MET B 192 -6.69 -9.79 6.85
N LEU B 193 -7.30 -10.75 7.52
CA LEU B 193 -6.68 -11.32 8.74
C LEU B 193 -5.39 -12.05 8.42
N GLN B 194 -5.36 -12.79 7.32
CA GLN B 194 -4.14 -13.50 6.90
C GLN B 194 -3.06 -12.48 6.61
N TYR B 195 -3.44 -11.40 5.93
CA TYR B 195 -2.52 -10.28 5.63
C TYR B 195 -1.92 -9.67 6.90
N ILE B 196 -2.80 -9.33 7.85
CA ILE B 196 -2.37 -8.74 9.08
C ILE B 196 -1.42 -9.68 9.84
N ARG B 197 -1.72 -10.97 9.90
CA ARG B 197 -0.84 -11.97 10.55
C ARG B 197 0.56 -11.99 9.93
N GLN B 198 0.62 -12.02 8.61
CA GLN B 198 1.91 -11.97 7.88
C GLN B 198 2.66 -10.67 8.17
N LEU B 199 1.93 -9.56 8.25
CA LEU B 199 2.54 -8.28 8.55
C LEU B 199 3.16 -8.31 9.95
N GLU B 200 2.51 -8.95 10.91
CA GLU B 200 3.08 -9.08 12.25
C GLU B 200 4.29 -9.98 12.31
N LYS B 201 4.38 -11.00 11.46
CA LYS B 201 5.64 -11.75 11.31
C LYS B 201 6.70 -10.82 10.67
N ASP B 202 6.34 -10.12 9.59
CA ASP B 202 7.30 -9.29 8.81
C ASP B 202 7.89 -8.14 9.67
N ILE B 203 7.04 -7.61 10.55
CA ILE B 203 7.37 -6.46 11.38
C ILE B 203 7.10 -6.83 12.84
N PRO B 204 8.06 -7.50 13.49
CA PRO B 204 7.96 -7.80 14.92
C PRO B 204 7.77 -6.51 15.73
N GLY B 205 6.78 -6.49 16.63
CA GLY B 205 6.52 -5.30 17.43
C GLY B 205 5.85 -4.16 16.67
N ILE B 206 5.16 -4.48 15.59
CA ILE B 206 4.32 -3.53 14.87
C ILE B 206 3.23 -2.88 15.75
N ASP B 207 2.61 -3.67 16.64
CA ASP B 207 1.74 -3.14 17.71
C ASP B 207 2.55 -2.30 18.69
#